data_4Q0X
#
_entry.id   4Q0X
#
_cell.length_a   49.991
_cell.length_b   49.991
_cell.length_c   390.585
_cell.angle_alpha   90.00
_cell.angle_beta   90.00
_cell.angle_gamma   90.00
#
_symmetry.space_group_name_H-M   'P 43 2 2'
#
loop_
_entity.id
_entity.type
_entity.pdbx_description
1 polymer 'mAb 12 heavy chain'
2 polymer 'mAb 12 light chain'
3 polymer 'Envelope glycoprotein E2'
4 water water
#
loop_
_entity_poly.entity_id
_entity_poly.type
_entity_poly.pdbx_seq_one_letter_code
_entity_poly.pdbx_strand_id
1 'polypeptide(L)'
;QVQLRQSGPELVKPGASVRISCKASGYTFTSYYIHWVKQRPGQGLEWIGWIYPGNVNTKYNEKFKGKATLTADKSSSTAY
MQLSSLTSEDSAVYFCARDDYDGAWFAYWGQGTLVTVSAAKTTPPSVYPLAPGSAAQTNSMVTLGCLVKGYFPEPVTVTW
NSGSLSSGVHTFPAVLQSDLYTLSSSVTVPSSTWPSQTVTCNVAHPASSTKVDKKIVPR
;
H
2 'polypeptide(L)'
;DVLMTQTPLSLPVSLGDQASISCRSSQSIVHNNGNTYLDWSLQKPGQSPKLLIYKVSNRFSGVPDRFSGSGSGTDFTLKI
SRVEAEDLGVYYCFQGSHVPPTFGGGTKLEIKRADAAPTVSIFPPSSEQLTSGGASVVCFLNNFYPKDINVKWKIDGSER
QNGVLNSWTDQDSKDSTYSMSSTLTLTKDEYERHNSYTCEATHKTSTSPIVKSFNRNE
;
L
3 'polypeptide(L)' HINSTALNCNESLNTGWLAGLFYQHK E
#
# COMPACT_ATOMS: atom_id res chain seq x y z
N GLN A 1 11.47 25.41 -12.83
CA GLN A 1 11.34 24.82 -11.47
C GLN A 1 11.89 23.40 -11.42
N VAL A 2 12.19 22.92 -10.21
CA VAL A 2 12.89 21.65 -10.00
C VAL A 2 12.10 20.42 -10.47
N GLN A 3 12.75 19.60 -11.29
CA GLN A 3 12.12 18.46 -11.94
C GLN A 3 12.99 17.20 -11.85
N LEU A 4 12.39 16.11 -11.39
CA LEU A 4 13.04 14.81 -11.40
C LEU A 4 12.12 13.78 -12.07
N ARG A 5 12.54 13.31 -13.25
CA ARG A 5 11.74 12.40 -14.06
C ARG A 5 12.38 11.02 -14.14
N GLN A 6 11.62 9.99 -13.75
CA GLN A 6 12.15 8.63 -13.59
C GLN A 6 11.77 7.69 -14.75
N SER A 7 12.48 6.56 -14.84
CA SER A 7 12.50 5.69 -16.03
C SER A 7 11.15 5.13 -16.50
N GLY A 8 10.38 4.56 -15.58
CA GLY A 8 9.14 3.88 -15.95
C GLY A 8 9.18 2.41 -15.52
N PRO A 9 7.99 1.82 -15.24
CA PRO A 9 7.85 0.52 -14.56
C PRO A 9 8.57 -0.64 -15.27
N GLU A 10 9.21 -1.48 -14.46
CA GLU A 10 9.98 -2.62 -14.96
C GLU A 10 9.48 -3.95 -14.39
N LEU A 11 9.29 -4.93 -15.27
CA LEU A 11 8.88 -6.28 -14.88
C LEU A 11 10.00 -7.26 -15.25
N VAL A 12 10.82 -7.61 -14.26
CA VAL A 12 12.05 -8.36 -14.52
C VAL A 12 12.05 -9.76 -13.88
N LYS A 13 12.72 -10.70 -14.56
CA LYS A 13 12.97 -12.04 -14.04
C LYS A 13 13.93 -12.00 -12.85
N PRO A 14 13.78 -12.95 -11.90
CA PRO A 14 14.70 -13.04 -10.76
C PRO A 14 16.13 -13.38 -11.19
N GLY A 15 17.10 -12.78 -10.50
CA GLY A 15 18.51 -12.94 -10.84
C GLY A 15 19.00 -11.84 -11.78
N ALA A 16 18.19 -11.53 -12.78
CA ALA A 16 18.52 -10.52 -13.78
C ALA A 16 18.67 -9.13 -13.16
N SER A 17 19.43 -8.27 -13.84
CA SER A 17 19.68 -6.91 -13.39
C SER A 17 18.73 -5.90 -14.00
N VAL A 18 18.61 -4.73 -13.36
CA VAL A 18 17.73 -3.66 -13.86
C VAL A 18 18.38 -2.28 -13.67
N ARG A 19 18.07 -1.37 -14.59
CA ARG A 19 18.58 0.00 -14.53
C ARG A 19 17.43 1.01 -14.52
N ILE A 20 17.42 1.89 -13.53
CA ILE A 20 16.43 2.96 -13.43
C ILE A 20 17.09 4.32 -13.63
N SER A 21 16.57 5.08 -14.58
CA SER A 21 17.07 6.44 -14.84
C SER A 21 16.30 7.49 -14.02
N CYS A 22 16.98 8.59 -13.74
CA CYS A 22 16.39 9.73 -13.03
C CYS A 22 16.94 11.01 -13.66
N LYS A 23 16.12 11.66 -14.48
CA LYS A 23 16.52 12.86 -15.22
C LYS A 23 16.23 14.13 -14.42
N ALA A 24 17.23 14.98 -14.29
CA ALA A 24 17.13 16.21 -13.50
C ALA A 24 16.97 17.46 -14.37
N SER A 25 16.07 18.35 -13.96
CA SER A 25 15.81 19.59 -14.69
C SER A 25 15.45 20.76 -13.75
N GLY A 26 16.02 21.93 -14.03
CA GLY A 26 15.67 23.15 -13.30
C GLY A 26 16.68 23.60 -12.26
N TYR A 27 17.87 23.00 -12.28
CA TYR A 27 18.94 23.32 -11.35
C TYR A 27 20.28 22.78 -11.84
N THR A 28 21.37 23.32 -11.30
CA THR A 28 22.72 22.84 -11.62
C THR A 28 22.91 21.41 -11.10
N PHE A 29 22.86 20.46 -12.03
CA PHE A 29 22.95 19.04 -11.73
C PHE A 29 24.18 18.68 -10.88
N THR A 30 25.30 19.32 -11.19
CA THR A 30 26.57 19.01 -10.56
C THR A 30 26.76 19.66 -9.17
N SER A 31 25.77 20.46 -8.75
CA SER A 31 25.87 21.16 -7.47
C SER A 31 25.19 20.43 -6.30
N TYR A 32 24.41 19.39 -6.61
CA TYR A 32 23.62 18.70 -5.59
C TYR A 32 23.81 17.18 -5.58
N TYR A 33 23.44 16.58 -4.44
CA TYR A 33 23.40 15.13 -4.29
C TYR A 33 22.16 14.55 -4.97
N ILE A 34 22.27 13.27 -5.37
CA ILE A 34 21.11 12.49 -5.78
C ILE A 34 21.04 11.23 -4.93
N HIS A 35 20.00 11.12 -4.13
CA HIS A 35 19.78 9.95 -3.29
C HIS A 35 18.80 8.99 -3.94
N TRP A 36 18.79 7.76 -3.44
CA TRP A 36 17.81 6.77 -3.87
C TRP A 36 17.14 6.12 -2.66
N VAL A 37 15.81 6.06 -2.72
CA VAL A 37 15.03 5.51 -1.62
C VAL A 37 14.19 4.32 -2.10
N LYS A 38 14.26 3.23 -1.34
CA LYS A 38 13.39 2.08 -1.56
C LYS A 38 12.12 2.23 -0.74
N GLN A 39 10.99 1.92 -1.35
CA GLN A 39 9.73 1.77 -0.61
C GLN A 39 9.03 0.48 -0.97
N ARG A 40 9.26 -0.54 -0.14
CA ARG A 40 8.56 -1.81 -0.24
C ARG A 40 7.22 -1.64 0.45
N PRO A 41 6.13 -2.12 -0.19
CA PRO A 41 4.76 -1.82 0.27
C PRO A 41 4.54 -2.00 1.77
N GLY A 42 5.20 -2.98 2.37
CA GLY A 42 5.00 -3.26 3.78
C GLY A 42 6.09 -2.81 4.75
N GLN A 43 7.05 -2.00 4.29
CA GLN A 43 8.22 -1.73 5.15
C GLN A 43 8.59 -0.27 5.43
N GLY A 44 7.86 0.67 4.82
CA GLY A 44 8.19 2.09 4.97
C GLY A 44 9.34 2.49 4.06
N LEU A 45 9.98 3.61 4.38
CA LEU A 45 11.00 4.18 3.51
C LEU A 45 12.41 3.77 3.93
N GLU A 46 13.27 3.57 2.94
CA GLU A 46 14.60 3.03 3.17
C GLU A 46 15.63 3.67 2.25
N TRP A 47 16.66 4.28 2.84
CA TRP A 47 17.76 4.89 2.09
C TRP A 47 18.64 3.81 1.47
N ILE A 48 18.92 3.95 0.18
CA ILE A 48 19.78 3.02 -0.54
C ILE A 48 21.20 3.59 -0.60
N GLY A 49 21.31 4.83 -1.07
CA GLY A 49 22.61 5.49 -1.22
C GLY A 49 22.53 6.82 -1.91
N TRP A 50 23.64 7.57 -1.88
CA TRP A 50 23.73 8.84 -2.59
C TRP A 50 24.80 8.82 -3.69
N ILE A 51 24.68 9.77 -4.61
CA ILE A 51 25.74 10.07 -5.57
C ILE A 51 25.87 11.59 -5.67
N TYR A 52 27.11 12.06 -5.81
CA TYR A 52 27.36 13.48 -6.01
C TYR A 52 28.13 13.67 -7.32
N PRO A 53 27.40 14.03 -8.40
CA PRO A 53 27.96 14.19 -9.75
C PRO A 53 29.18 15.11 -9.82
N GLY A 54 29.28 16.06 -8.89
CA GLY A 54 30.40 17.01 -8.82
C GLY A 54 31.78 16.36 -8.77
N ASN A 55 31.91 15.30 -7.98
CA ASN A 55 33.13 14.51 -7.93
C ASN A 55 32.88 13.00 -8.00
N VAL A 56 31.78 12.64 -8.66
CA VAL A 56 31.36 11.25 -8.91
C VAL A 56 31.23 10.37 -7.64
N ASN A 57 31.38 11.00 -6.48
CA ASN A 57 31.37 10.31 -5.18
C ASN A 57 30.07 9.57 -4.87
N THR A 58 30.20 8.36 -4.32
CA THR A 58 29.07 7.53 -3.93
C THR A 58 29.20 7.05 -2.49
N LYS A 59 28.07 7.00 -1.78
CA LYS A 59 28.01 6.35 -0.48
C LYS A 59 26.80 5.44 -0.44
N TYR A 60 26.98 4.25 0.08
CA TYR A 60 25.99 3.22 -0.05
C TYR A 60 25.53 2.76 1.29
N ASN A 61 24.32 2.24 1.34
CA ASN A 61 23.80 1.58 2.50
C ASN A 61 24.35 0.17 2.61
N GLU A 62 24.66 -0.24 3.82
CA GLU A 62 25.33 -1.49 4.02
C GLU A 62 24.46 -2.55 3.45
N LYS A 63 23.17 -2.38 3.63
CA LYS A 63 22.23 -3.36 3.21
C LYS A 63 22.39 -3.50 1.73
N PHE A 64 22.66 -2.40 1.06
CA PHE A 64 22.62 -2.40 -0.38
C PHE A 64 23.92 -2.49 -1.12
N LYS A 65 25.00 -2.60 -0.38
CA LYS A 65 26.28 -2.65 -1.01
C LYS A 65 26.35 -3.87 -1.89
N GLY A 66 26.89 -3.69 -3.07
CA GLY A 66 26.99 -4.80 -4.02
C GLY A 66 25.64 -5.28 -4.54
N LYS A 67 24.57 -4.60 -4.13
CA LYS A 67 23.24 -4.83 -4.67
C LYS A 67 22.89 -3.69 -5.62
N ALA A 68 23.12 -2.46 -5.17
CA ALA A 68 22.86 -1.28 -5.97
C ALA A 68 24.16 -0.66 -6.47
N THR A 69 24.14 -0.19 -7.71
CA THR A 69 25.29 0.48 -8.32
C THR A 69 24.84 1.77 -8.98
N LEU A 70 25.29 2.88 -8.42
CA LEU A 70 24.83 4.22 -8.80
C LEU A 70 25.83 4.92 -9.73
N THR A 71 25.37 5.28 -10.92
CA THR A 71 26.15 6.09 -11.85
C THR A 71 25.37 7.34 -12.24
N ALA A 72 26.02 8.24 -12.97
CA ALA A 72 25.40 9.46 -13.47
C ALA A 72 26.13 9.99 -14.69
N ASP A 73 25.39 10.52 -15.65
CA ASP A 73 25.97 11.21 -16.79
C ASP A 73 25.74 12.71 -16.64
N LYS A 74 26.82 13.48 -16.77
CA LYS A 74 26.79 14.93 -16.60
C LYS A 74 26.10 15.65 -17.77
N SER A 75 26.38 15.17 -18.98
CA SER A 75 25.86 15.80 -20.21
C SER A 75 24.35 15.63 -20.39
N SER A 76 23.79 14.57 -19.82
CA SER A 76 22.34 14.34 -19.90
C SER A 76 21.61 14.62 -18.59
N SER A 77 22.37 14.99 -17.55
CA SER A 77 21.84 15.22 -16.20
C SER A 77 20.95 14.08 -15.72
N THR A 78 21.35 12.85 -16.06
CA THR A 78 20.56 11.67 -15.78
C THR A 78 21.32 10.73 -14.85
N ALA A 79 20.71 10.46 -13.69
CA ALA A 79 21.28 9.56 -12.70
C ALA A 79 20.70 8.16 -12.89
N TYR A 80 21.53 7.13 -12.71
CA TYR A 80 21.07 5.77 -12.90
C TYR A 80 21.31 4.92 -11.69
N MET A 81 20.43 3.96 -11.46
CA MET A 81 20.65 2.90 -10.48
C MET A 81 20.51 1.56 -11.12
N GLN A 82 21.46 0.68 -10.87
CA GLN A 82 21.45 -0.66 -11.39
C GLN A 82 21.43 -1.58 -10.20
N LEU A 83 20.55 -2.56 -10.24
CA LEU A 83 20.47 -3.55 -9.19
C LEU A 83 20.61 -4.85 -9.86
N SER A 84 21.21 -5.77 -9.13
CA SER A 84 21.83 -6.90 -9.75
C SER A 84 21.06 -8.19 -9.64
N SER A 85 21.20 -8.87 -8.53
CA SER A 85 20.64 -10.18 -8.40
C SER A 85 19.27 -9.99 -7.83
N LEU A 86 18.30 -9.88 -8.70
CA LEU A 86 16.98 -9.48 -8.24
C LEU A 86 16.25 -10.58 -7.50
N THR A 87 15.84 -10.26 -6.28
CA THR A 87 15.08 -11.15 -5.43
C THR A 87 13.61 -10.70 -5.45
N SER A 88 12.72 -11.63 -5.16
CA SER A 88 11.31 -11.32 -4.93
C SER A 88 11.17 -10.10 -4.01
N GLU A 89 12.06 -10.00 -3.03
CA GLU A 89 12.05 -8.93 -2.04
C GLU A 89 12.67 -7.62 -2.52
N ASP A 90 13.00 -7.54 -3.81
CA ASP A 90 13.43 -6.30 -4.42
C ASP A 90 12.27 -5.61 -5.13
N SER A 91 11.10 -6.24 -5.07
CA SER A 91 9.86 -5.66 -5.57
C SER A 91 9.46 -4.47 -4.71
N ALA A 92 9.65 -3.27 -5.26
CA ALA A 92 9.33 -2.04 -4.57
C ALA A 92 9.17 -0.90 -5.56
N VAL A 93 8.67 0.22 -5.07
CA VAL A 93 8.76 1.47 -5.80
C VAL A 93 10.07 2.12 -5.36
N TYR A 94 10.82 2.67 -6.30
CA TYR A 94 12.11 3.30 -6.00
C TYR A 94 12.11 4.77 -6.40
N PHE A 95 12.46 5.63 -5.46
CA PHE A 95 12.50 7.07 -5.69
C PHE A 95 13.93 7.60 -5.80
N CYS A 96 14.11 8.65 -6.60
CA CYS A 96 15.32 9.47 -6.54
C CYS A 96 14.96 10.81 -5.92
N ALA A 97 15.79 11.26 -4.98
CA ALA A 97 15.52 12.49 -4.26
C ALA A 97 16.75 13.39 -4.17
N ARG A 98 16.55 14.67 -4.42
CA ARG A 98 17.64 15.64 -4.29
C ARG A 98 17.43 16.52 -3.06
N ASP A 99 18.55 16.99 -2.50
CA ASP A 99 18.57 17.67 -1.22
C ASP A 99 18.38 19.18 -1.32
N ASP A 100 18.24 19.82 -0.16
CA ASP A 100 18.45 21.26 -0.04
C ASP A 100 19.75 21.50 0.68
N TYR A 101 20.59 22.37 0.11
CA TYR A 101 21.91 22.67 0.66
C TYR A 101 21.80 23.21 2.09
N ASP A 102 22.51 22.55 3.00
CA ASP A 102 22.53 22.89 4.43
C ASP A 102 21.14 22.84 5.09
N GLY A 103 20.20 22.16 4.43
CA GLY A 103 18.82 22.10 4.90
C GLY A 103 18.35 20.70 5.21
N ALA A 104 18.15 19.90 4.17
CA ALA A 104 17.58 18.56 4.32
C ALA A 104 18.13 17.56 3.31
N TRP A 105 18.15 16.28 3.69
CA TRP A 105 18.60 15.18 2.84
C TRP A 105 17.77 15.04 1.57
N PHE A 106 16.45 15.16 1.73
CA PHE A 106 15.50 14.99 0.64
C PHE A 106 14.56 16.19 0.58
N ALA A 107 14.68 16.99 -0.46
CA ALA A 107 13.84 18.17 -0.65
C ALA A 107 12.88 17.97 -1.81
N TYR A 108 13.42 17.51 -2.94
CA TYR A 108 12.62 17.25 -4.13
C TYR A 108 12.70 15.78 -4.49
N TRP A 109 11.53 15.17 -4.71
CA TRP A 109 11.43 13.75 -4.98
C TRP A 109 11.02 13.48 -6.42
N GLY A 110 11.57 12.43 -7.01
CA GLY A 110 11.11 11.93 -8.31
C GLY A 110 9.74 11.28 -8.16
N GLN A 111 9.09 10.98 -9.27
CA GLN A 111 7.75 10.38 -9.24
C GLN A 111 7.75 8.93 -8.79
N GLY A 112 8.89 8.26 -8.97
CA GLY A 112 9.05 6.87 -8.55
C GLY A 112 8.99 5.87 -9.69
N THR A 113 9.68 4.75 -9.52
CA THR A 113 9.67 3.66 -10.50
C THR A 113 9.29 2.36 -9.81
N LEU A 114 8.30 1.67 -10.37
CA LEU A 114 7.82 0.40 -9.82
C LEU A 114 8.59 -0.78 -10.42
N VAL A 115 9.31 -1.50 -9.58
CA VAL A 115 10.03 -2.71 -10.00
C VAL A 115 9.33 -3.93 -9.41
N THR A 116 8.99 -4.87 -10.27
CA THR A 116 8.34 -6.12 -9.85
C THR A 116 9.14 -7.32 -10.31
N VAL A 117 9.69 -8.06 -9.34
CA VAL A 117 10.49 -9.24 -9.60
C VAL A 117 9.63 -10.49 -9.44
N SER A 118 9.49 -11.25 -10.52
CA SER A 118 8.69 -12.46 -10.55
C SER A 118 9.03 -13.31 -11.77
N ALA A 119 9.05 -14.63 -11.59
CA ALA A 119 9.43 -15.56 -12.64
C ALA A 119 8.25 -16.01 -13.50
N ALA A 120 7.05 -15.56 -13.16
CA ALA A 120 5.82 -16.03 -13.80
C ALA A 120 5.63 -15.56 -15.24
N LYS A 121 4.93 -16.37 -16.02
CA LYS A 121 4.56 -16.05 -17.40
C LYS A 121 3.14 -15.49 -17.43
N THR A 122 2.88 -14.62 -18.41
CA THR A 122 1.55 -14.00 -18.56
C THR A 122 0.45 -15.04 -18.42
N THR A 123 -0.44 -14.83 -17.46
CA THR A 123 -1.50 -15.79 -17.16
C THR A 123 -2.89 -15.16 -17.16
N PRO A 124 -3.80 -15.70 -17.98
CA PRO A 124 -5.20 -15.28 -17.95
C PRO A 124 -5.87 -15.65 -16.62
N PRO A 125 -6.76 -14.77 -16.10
CA PRO A 125 -7.40 -15.04 -14.82
C PRO A 125 -8.53 -16.05 -14.94
N SER A 126 -8.88 -16.66 -13.81
CA SER A 126 -10.11 -17.45 -13.73
C SER A 126 -11.15 -16.65 -12.95
N VAL A 127 -12.30 -16.42 -13.58
CA VAL A 127 -13.35 -15.63 -12.95
C VAL A 127 -14.48 -16.55 -12.50
N TYR A 128 -14.77 -16.51 -11.19
CA TYR A 128 -15.84 -17.32 -10.62
C TYR A 128 -16.89 -16.44 -9.99
N PRO A 129 -18.17 -16.69 -10.32
CA PRO A 129 -19.25 -15.92 -9.71
C PRO A 129 -19.42 -16.27 -8.24
N LEU A 130 -19.62 -15.25 -7.42
CA LEU A 130 -19.94 -15.47 -6.01
C LEU A 130 -21.38 -15.07 -5.78
N ALA A 131 -22.24 -16.08 -5.65
CA ALA A 131 -23.67 -15.87 -5.40
C ALA A 131 -24.02 -16.31 -3.98
N PRO A 132 -24.93 -15.57 -3.31
CA PRO A 132 -25.25 -15.81 -1.89
C PRO A 132 -25.90 -17.17 -1.63
N GLY A 133 -25.72 -17.68 -0.41
CA GLY A 133 -26.34 -18.94 0.00
C GLY A 133 -27.76 -18.74 0.51
N SER A 134 -27.97 -17.63 1.23
CA SER A 134 -29.27 -17.33 1.85
C SER A 134 -30.20 -16.54 0.91
N ALA A 135 -31.33 -16.07 1.47
CA ALA A 135 -32.32 -15.32 0.71
C ALA A 135 -32.23 -13.81 1.01
N ALA A 136 -33.38 -13.18 1.26
CA ALA A 136 -33.47 -11.74 1.49
C ALA A 136 -32.74 -11.30 2.76
N SER A 140 -33.17 -5.66 2.46
CA SER A 140 -33.02 -4.45 1.65
C SER A 140 -31.83 -4.53 0.70
N MET A 141 -30.66 -4.86 1.24
CA MET A 141 -29.41 -4.90 0.49
C MET A 141 -28.94 -6.34 0.27
N VAL A 142 -28.33 -6.59 -0.88
CA VAL A 142 -27.81 -7.92 -1.25
C VAL A 142 -26.42 -7.79 -1.87
N THR A 143 -25.47 -8.52 -1.32
CA THR A 143 -24.09 -8.49 -1.79
C THR A 143 -23.80 -9.64 -2.74
N LEU A 144 -23.23 -9.31 -3.90
CA LEU A 144 -22.71 -10.32 -4.83
C LEU A 144 -21.20 -10.13 -4.94
N GLY A 145 -20.54 -11.06 -5.61
CA GLY A 145 -19.09 -11.02 -5.74
C GLY A 145 -18.51 -11.66 -6.97
N CYS A 146 -17.28 -11.29 -7.28
CA CYS A 146 -16.50 -11.94 -8.33
C CYS A 146 -15.11 -12.25 -7.81
N LEU A 147 -14.74 -13.53 -7.91
CA LEU A 147 -13.40 -13.97 -7.59
C LEU A 147 -12.56 -14.01 -8.86
N VAL A 148 -11.44 -13.30 -8.83
CA VAL A 148 -10.50 -13.24 -9.94
C VAL A 148 -9.22 -13.93 -9.48
N LYS A 149 -8.96 -15.12 -10.02
CA LYS A 149 -7.95 -16.00 -9.44
C LYS A 149 -6.88 -16.51 -10.42
N GLY A 150 -5.63 -16.49 -9.95
CA GLY A 150 -4.50 -17.10 -10.66
C GLY A 150 -4.13 -16.41 -11.94
N TYR A 151 -3.73 -15.15 -11.83
CA TYR A 151 -3.34 -14.40 -13.01
C TYR A 151 -2.07 -13.64 -12.73
N PHE A 152 -1.37 -13.36 -13.81
CA PHE A 152 -0.19 -12.57 -13.80
C PHE A 152 -0.44 -11.74 -15.09
N PRO A 153 0.77 -10.79 -15.23
CA PRO A 153 0.79 -9.75 -14.12
C PRO A 153 -0.41 -8.88 -13.85
N GLU A 154 -0.37 -8.26 -12.67
CA GLU A 154 -1.23 -7.14 -12.39
C GLU A 154 -0.90 -6.06 -13.43
N PRO A 155 -2.09 -5.75 -14.21
CA PRO A 155 -3.11 -5.22 -13.27
C PRO A 155 -4.38 -5.83 -13.86
N VAL A 156 -5.49 -5.77 -13.13
CA VAL A 156 -6.74 -6.27 -13.68
C VAL A 156 -7.82 -5.25 -13.41
N THR A 157 -8.83 -5.22 -14.28
CA THR A 157 -9.87 -4.22 -14.16
C THR A 157 -11.22 -4.89 -13.97
N VAL A 158 -11.91 -4.54 -12.89
CA VAL A 158 -13.21 -5.13 -12.59
C VAL A 158 -14.30 -4.07 -12.67
N THR A 159 -15.30 -4.33 -13.51
CA THR A 159 -16.50 -3.49 -13.57
C THR A 159 -17.74 -4.33 -13.28
N TRP A 160 -18.83 -3.65 -12.93
CA TRP A 160 -20.12 -4.32 -12.74
C TRP A 160 -21.17 -3.67 -13.65
N ASN A 161 -21.92 -4.52 -14.35
CA ASN A 161 -22.89 -4.09 -15.37
C ASN A 161 -22.28 -3.09 -16.36
N SER A 162 -21.14 -3.47 -16.93
CA SER A 162 -20.37 -2.63 -17.85
C SER A 162 -19.90 -1.30 -17.25
N GLY A 163 -20.06 -1.15 -15.94
CA GLY A 163 -19.58 0.04 -15.23
C GLY A 163 -20.66 0.99 -14.73
N SER A 164 -21.91 0.72 -15.10
CA SER A 164 -23.04 1.55 -14.66
C SER A 164 -23.35 1.30 -13.18
N LEU A 165 -22.91 0.15 -12.68
CA LEU A 165 -23.03 -0.19 -11.27
C LEU A 165 -21.70 0.13 -10.57
N SER A 166 -21.61 1.33 -9.99
CA SER A 166 -20.36 1.81 -9.41
C SER A 166 -20.44 2.17 -7.92
N SER A 167 -21.66 2.45 -7.43
CA SER A 167 -21.86 2.69 -6.01
C SER A 167 -21.99 1.36 -5.26
N GLY A 168 -21.28 1.25 -4.14
CA GLY A 168 -21.31 0.04 -3.32
C GLY A 168 -20.41 -1.08 -3.85
N VAL A 169 -19.38 -0.69 -4.60
CA VAL A 169 -18.42 -1.66 -5.15
C VAL A 169 -17.12 -1.58 -4.38
N HIS A 170 -16.62 -2.74 -3.95
CA HIS A 170 -15.29 -2.84 -3.37
C HIS A 170 -14.45 -3.81 -4.18
N THR A 171 -13.35 -3.32 -4.77
CA THR A 171 -12.37 -4.20 -5.40
C THR A 171 -11.13 -4.28 -4.54
N PHE A 172 -10.84 -5.47 -4.04
CA PHE A 172 -9.82 -5.67 -3.02
C PHE A 172 -8.42 -5.80 -3.59
N PRO A 173 -7.43 -5.23 -2.90
CA PRO A 173 -6.03 -5.39 -3.30
C PRO A 173 -5.69 -6.85 -3.52
N ALA A 174 -4.96 -7.13 -4.59
CA ALA A 174 -4.58 -8.50 -4.94
C ALA A 174 -3.62 -9.09 -3.92
N VAL A 175 -3.60 -10.42 -3.85
CA VAL A 175 -2.68 -11.15 -2.97
C VAL A 175 -1.86 -12.12 -3.80
N LEU A 176 -0.58 -12.27 -3.45
CA LEU A 176 0.27 -13.30 -4.05
C LEU A 176 -0.11 -14.69 -3.53
N GLN A 177 -0.79 -15.45 -4.37
CA GLN A 177 -1.18 -16.82 -4.06
C GLN A 177 -0.37 -17.76 -4.95
N SER A 178 0.84 -18.08 -4.50
CA SER A 178 1.74 -18.99 -5.20
C SER A 178 2.13 -18.48 -6.60
N ASP A 179 2.89 -17.38 -6.63
CA ASP A 179 3.39 -16.78 -7.88
C ASP A 179 2.32 -16.23 -8.83
N LEU A 180 1.05 -16.31 -8.42
CA LEU A 180 -0.05 -15.80 -9.23
C LEU A 180 -0.98 -14.94 -8.39
N TYR A 181 -1.42 -13.84 -9.00
CA TYR A 181 -2.31 -12.90 -8.32
C TYR A 181 -3.75 -13.37 -8.28
N THR A 182 -4.45 -12.98 -7.21
CA THR A 182 -5.86 -13.27 -7.05
C THR A 182 -6.53 -12.18 -6.21
N LEU A 183 -7.70 -11.74 -6.64
CA LEU A 183 -8.47 -10.74 -5.89
C LEU A 183 -9.97 -10.97 -6.00
N SER A 184 -10.71 -10.34 -5.10
CA SER A 184 -12.17 -10.41 -5.11
C SER A 184 -12.78 -9.03 -5.17
N SER A 185 -13.87 -8.91 -5.92
CA SER A 185 -14.64 -7.68 -6.01
C SER A 185 -16.07 -7.95 -5.56
N SER A 186 -16.58 -7.09 -4.69
CA SER A 186 -17.96 -7.24 -4.21
C SER A 186 -18.83 -6.10 -4.71
N VAL A 187 -20.13 -6.35 -4.78
CA VAL A 187 -21.10 -5.31 -5.10
C VAL A 187 -22.34 -5.48 -4.24
N THR A 188 -22.80 -4.39 -3.64
CA THR A 188 -24.02 -4.39 -2.85
C THR A 188 -25.14 -3.68 -3.62
N VAL A 189 -26.26 -4.37 -3.81
CA VAL A 189 -27.39 -3.84 -4.56
C VAL A 189 -28.71 -4.05 -3.79
N PRO A 190 -29.76 -3.28 -4.12
CA PRO A 190 -31.08 -3.51 -3.55
C PRO A 190 -31.60 -4.92 -3.86
N SER A 191 -32.22 -5.55 -2.87
CA SER A 191 -32.75 -6.91 -3.02
C SER A 191 -33.88 -7.01 -4.05
N SER A 192 -34.44 -5.86 -4.41
CA SER A 192 -35.45 -5.78 -5.47
C SER A 192 -34.80 -5.79 -6.86
N THR A 193 -33.51 -5.48 -6.91
CA THR A 193 -32.78 -5.50 -8.18
C THR A 193 -32.18 -6.90 -8.47
N TRP A 194 -31.47 -7.53 -7.53
CA TRP A 194 -31.04 -8.92 -7.76
C TRP A 194 -31.65 -9.80 -6.71
N PRO A 195 -32.36 -10.94 -7.07
CA PRO A 195 -31.89 -11.64 -8.26
C PRO A 195 -32.72 -11.44 -9.49
N SER A 196 -33.48 -10.45 -9.55
CA SER A 196 -34.46 -10.23 -10.59
C SER A 196 -33.84 -9.59 -11.83
N GLN A 197 -32.52 -9.39 -11.80
CA GLN A 197 -31.87 -8.62 -12.85
C GLN A 197 -30.48 -9.10 -13.18
N THR A 198 -30.10 -8.93 -14.44
CA THR A 198 -28.78 -9.27 -14.93
C THR A 198 -27.72 -8.45 -14.20
N VAL A 199 -27.06 -9.10 -13.25
CA VAL A 199 -25.88 -8.51 -12.60
C VAL A 199 -24.66 -9.30 -13.07
N THR A 200 -23.75 -8.58 -13.73
CA THR A 200 -22.59 -9.18 -14.36
C THR A 200 -21.36 -8.39 -13.96
N CYS A 201 -20.29 -9.09 -13.59
CA CYS A 201 -19.00 -8.44 -13.45
C CYS A 201 -18.19 -8.64 -14.72
N ASN A 202 -17.61 -7.56 -15.21
CA ASN A 202 -16.75 -7.61 -16.39
C ASN A 202 -15.31 -7.46 -15.95
N VAL A 203 -14.49 -8.46 -16.30
CA VAL A 203 -13.10 -8.51 -15.86
C VAL A 203 -12.16 -8.32 -17.03
N ALA A 204 -11.36 -7.25 -16.98
CA ALA A 204 -10.40 -6.96 -18.04
C ALA A 204 -8.95 -7.20 -17.60
N HIS A 205 -8.24 -7.97 -18.40
CA HIS A 205 -6.84 -8.25 -18.17
C HIS A 205 -6.05 -7.96 -19.45
N PRO A 206 -5.48 -6.74 -19.55
CA PRO A 206 -4.81 -6.25 -20.75
C PRO A 206 -3.59 -7.08 -21.16
N ALA A 207 -2.81 -7.54 -20.17
CA ALA A 207 -1.58 -8.28 -20.42
C ALA A 207 -1.80 -9.60 -21.15
N SER A 208 -2.87 -10.31 -20.78
CA SER A 208 -3.27 -11.54 -21.47
C SER A 208 -4.31 -11.25 -22.55
N SER A 209 -4.65 -9.96 -22.70
CA SER A 209 -5.57 -9.48 -23.75
C SER A 209 -6.90 -10.23 -23.75
N THR A 210 -7.55 -10.27 -22.57
CA THR A 210 -8.80 -11.02 -22.39
C THR A 210 -9.90 -10.20 -21.73
N LYS A 211 -11.14 -10.49 -22.11
CA LYS A 211 -12.33 -9.92 -21.46
C LYS A 211 -13.33 -11.02 -21.11
N VAL A 212 -13.72 -11.10 -19.84
CA VAL A 212 -14.68 -12.10 -19.38
C VAL A 212 -15.86 -11.43 -18.69
N ASP A 213 -17.07 -11.86 -19.05
CA ASP A 213 -18.28 -11.44 -18.36
C ASP A 213 -18.88 -12.62 -17.62
N LYS A 214 -19.26 -12.39 -16.36
CA LYS A 214 -19.89 -13.43 -15.55
C LYS A 214 -21.23 -12.99 -14.98
N LYS A 215 -22.30 -13.57 -15.53
CA LYS A 215 -23.64 -13.41 -14.98
C LYS A 215 -23.70 -14.07 -13.61
N ILE A 216 -23.96 -13.28 -12.57
CA ILE A 216 -24.12 -13.81 -11.23
C ILE A 216 -25.51 -14.43 -11.13
N VAL A 217 -25.56 -15.76 -11.25
CA VAL A 217 -26.82 -16.51 -11.19
C VAL A 217 -26.99 -17.24 -9.86
N PRO A 218 -28.25 -17.38 -9.39
CA PRO A 218 -28.56 -18.14 -8.18
C PRO A 218 -28.10 -19.60 -8.29
N ARG A 219 -27.66 -20.17 -7.18
CA ARG A 219 -27.06 -21.50 -7.15
C ARG A 219 -28.06 -22.61 -7.49
N ASP B 1 22.78 1.87 15.33
CA ASP B 1 21.90 2.34 14.22
C ASP B 1 20.71 3.11 14.79
N VAL B 2 20.57 4.37 14.38
CA VAL B 2 19.52 5.26 14.90
C VAL B 2 18.13 4.75 14.53
N LEU B 3 17.21 4.85 15.49
CA LEU B 3 15.88 4.28 15.33
C LEU B 3 14.80 5.31 15.65
N MET B 4 13.84 5.43 14.73
CA MET B 4 12.78 6.42 14.84
C MET B 4 11.42 5.77 14.95
N THR B 5 10.72 6.08 16.04
CA THR B 5 9.37 5.57 16.27
C THR B 5 8.39 6.74 16.32
N GLN B 6 7.30 6.60 15.59
CA GLN B 6 6.24 7.59 15.65
C GLN B 6 5.12 7.01 16.51
N THR B 7 4.85 7.70 17.62
CA THR B 7 4.02 7.17 18.70
C THR B 7 2.53 6.97 18.37
N PRO B 8 1.90 7.88 17.59
CA PRO B 8 0.59 7.45 17.12
C PRO B 8 0.75 6.81 15.74
N LEU B 9 0.38 5.53 15.62
CA LEU B 9 0.52 4.84 14.35
C LEU B 9 -0.60 5.22 13.38
N SER B 10 -1.80 5.36 13.92
CA SER B 10 -2.96 5.83 13.19
C SER B 10 -3.60 6.98 13.97
N LEU B 11 -3.90 8.07 13.27
CA LEU B 11 -4.51 9.22 13.91
C LEU B 11 -5.87 9.54 13.29
N PRO B 12 -6.96 9.06 13.92
CA PRO B 12 -8.32 9.42 13.52
C PRO B 12 -8.60 10.88 13.90
N VAL B 13 -9.10 11.66 12.95
CA VAL B 13 -9.33 13.09 13.18
C VAL B 13 -10.50 13.63 12.35
N SER B 14 -11.13 14.70 12.83
CA SER B 14 -12.19 15.40 12.10
C SER B 14 -11.62 16.63 11.39
N LEU B 15 -12.15 16.93 10.21
CA LEU B 15 -11.68 18.08 9.43
C LEU B 15 -11.68 19.37 10.25
N GLY B 16 -10.53 20.06 10.26
CA GLY B 16 -10.36 21.27 11.04
C GLY B 16 -10.24 20.99 12.52
N ASP B 17 -9.34 20.08 12.87
CA ASP B 17 -9.07 19.74 14.27
C ASP B 17 -7.61 20.01 14.62
N GLN B 18 -7.32 19.93 15.92
CA GLN B 18 -5.95 19.95 16.40
C GLN B 18 -5.34 18.57 16.16
N ALA B 19 -4.10 18.54 15.67
CA ALA B 19 -3.41 17.28 15.38
C ALA B 19 -1.97 17.29 15.89
N SER B 20 -1.60 16.26 16.63
CA SER B 20 -0.25 16.11 17.17
C SER B 20 0.33 14.75 16.89
N ILE B 21 1.46 14.73 16.19
CA ILE B 21 2.20 13.51 15.90
C ILE B 21 3.55 13.56 16.60
N SER B 22 3.87 12.51 17.35
CA SER B 22 5.16 12.45 18.04
C SER B 22 6.18 11.59 17.29
N CYS B 23 7.46 11.88 17.53
CA CYS B 23 8.57 11.12 16.95
C CYS B 23 9.73 11.07 17.95
N ARG B 24 10.11 9.85 18.33
CA ARG B 24 11.19 9.65 19.29
C ARG B 24 12.39 8.96 18.63
N SER B 25 13.59 9.35 19.05
CA SER B 25 14.82 8.75 18.53
C SER B 25 15.51 7.87 19.57
N SER B 26 16.14 6.80 19.10
CA SER B 26 16.86 5.85 19.96
C SER B 26 18.01 6.49 20.71
N GLN B 27 18.52 7.60 20.18
CA GLN B 27 19.59 8.37 20.80
C GLN B 27 19.50 9.84 20.37
N SER B 28 20.21 10.71 21.08
CA SER B 28 20.25 12.13 20.75
C SER B 28 20.69 12.35 19.31
N ILE B 29 19.83 13.00 18.53
CA ILE B 29 20.10 13.22 17.10
C ILE B 29 20.59 14.63 16.79
N VAL B 30 21.21 15.27 17.79
CA VAL B 30 21.90 16.54 17.61
C VAL B 30 23.31 16.23 17.12
N HIS B 31 23.63 16.68 15.91
CA HIS B 31 24.92 16.39 15.28
C HIS B 31 26.06 17.11 15.99
N ASN B 32 27.25 16.51 15.96
CA ASN B 32 28.46 17.08 16.56
C ASN B 32 28.78 18.48 16.00
N ASN B 33 28.30 18.73 14.79
CA ASN B 33 28.36 20.05 14.17
C ASN B 33 27.54 21.08 14.95
N GLY B 34 26.38 20.67 15.45
CA GLY B 34 25.52 21.54 16.24
C GLY B 34 24.05 21.46 15.84
N ASN B 35 23.81 21.35 14.53
CA ASN B 35 22.46 21.27 13.99
C ASN B 35 21.73 19.98 14.34
N THR B 36 20.40 20.04 14.27
CA THR B 36 19.56 18.86 14.52
C THR B 36 18.76 18.57 13.24
N TYR B 37 19.34 17.73 12.38
CA TYR B 37 18.78 17.43 11.06
C TYR B 37 17.63 16.43 11.14
N LEU B 38 16.42 16.95 11.34
CA LEU B 38 15.21 16.14 11.45
C LEU B 38 14.10 16.72 10.58
N ASP B 39 13.46 15.88 9.78
CA ASP B 39 12.49 16.33 8.79
C ASP B 39 11.13 15.65 8.93
N TRP B 40 10.07 16.41 8.69
CA TRP B 40 8.72 15.87 8.58
C TRP B 40 8.27 15.91 7.13
N SER B 41 7.79 14.77 6.63
CA SER B 41 7.30 14.67 5.25
C SER B 41 5.88 14.12 5.22
N LEU B 42 5.18 14.37 4.12
CA LEU B 42 3.82 13.85 3.92
C LEU B 42 3.70 13.10 2.60
N GLN B 43 3.32 11.82 2.70
CA GLN B 43 3.16 10.99 1.52
C GLN B 43 1.71 10.56 1.31
N LYS B 44 1.14 10.98 0.19
CA LYS B 44 -0.22 10.62 -0.20
C LYS B 44 -0.19 9.40 -1.12
N PRO B 45 -1.17 8.48 -0.97
CA PRO B 45 -1.17 7.19 -1.68
C PRO B 45 -1.05 7.34 -3.20
N GLY B 46 0.01 6.76 -3.75
CA GLY B 46 0.28 6.84 -5.18
C GLY B 46 1.27 7.94 -5.55
N GLN B 47 1.78 8.64 -4.53
CA GLN B 47 2.70 9.75 -4.75
C GLN B 47 4.01 9.60 -3.97
N SER B 48 4.98 10.42 -4.32
CA SER B 48 6.24 10.52 -3.60
C SER B 48 6.02 11.33 -2.32
N PRO B 49 6.93 11.19 -1.34
CA PRO B 49 6.82 12.05 -0.16
C PRO B 49 7.09 13.51 -0.51
N LYS B 50 6.52 14.42 0.28
CA LYS B 50 6.75 15.84 0.10
C LYS B 50 7.21 16.45 1.42
N LEU B 51 8.36 17.11 1.38
CA LEU B 51 8.95 17.71 2.58
C LEU B 51 8.06 18.83 3.13
N LEU B 52 7.86 18.82 4.44
CA LEU B 52 7.05 19.84 5.11
C LEU B 52 7.92 20.70 6.03
N ILE B 53 8.42 20.06 7.09
CA ILE B 53 9.32 20.72 8.03
C ILE B 53 10.70 20.10 7.87
N TYR B 54 11.74 20.93 7.99
CA TYR B 54 13.11 20.46 8.01
C TYR B 54 13.88 21.14 9.14
N LYS B 55 14.98 20.52 9.56
CA LYS B 55 15.78 21.01 10.70
C LYS B 55 14.90 21.41 11.89
N VAL B 56 14.07 20.46 12.32
CA VAL B 56 13.16 20.59 13.47
C VAL B 56 11.98 21.56 13.26
N SER B 57 12.26 22.81 12.95
CA SER B 57 11.24 23.87 12.99
C SER B 57 10.95 24.54 11.65
N ASN B 58 11.95 24.54 10.76
CA ASN B 58 11.89 25.30 9.51
C ASN B 58 10.86 24.76 8.52
N ARG B 59 10.02 25.66 8.01
CA ARG B 59 9.03 25.32 7.00
C ARG B 59 9.63 25.40 5.61
N PHE B 60 9.46 24.31 4.84
CA PHE B 60 9.97 24.21 3.48
C PHE B 60 9.26 25.20 2.56
N SER B 61 9.82 25.43 1.37
CA SER B 61 9.23 26.36 0.42
C SER B 61 7.81 25.92 0.09
N GLY B 62 6.87 26.87 0.24
CA GLY B 62 5.48 26.65 -0.14
C GLY B 62 4.61 25.84 0.81
N VAL B 63 5.04 25.71 2.06
CA VAL B 63 4.27 24.91 3.02
C VAL B 63 3.37 25.82 3.87
N PRO B 64 2.05 25.55 3.89
CA PRO B 64 1.17 26.45 4.66
C PRO B 64 1.51 26.49 6.13
N ASP B 65 1.19 27.61 6.77
CA ASP B 65 1.66 27.87 8.14
C ASP B 65 0.86 27.15 9.23
N ARG B 66 -0.04 26.27 8.81
CA ARG B 66 -0.78 25.43 9.76
C ARG B 66 0.13 24.33 10.34
N PHE B 67 1.15 23.96 9.57
CA PHE B 67 2.13 22.97 10.00
C PHE B 67 3.27 23.63 10.77
N SER B 68 3.76 22.93 11.79
CA SER B 68 4.93 23.38 12.56
C SER B 68 5.60 22.20 13.27
N GLY B 69 6.91 22.31 13.47
CA GLY B 69 7.67 21.31 14.22
C GLY B 69 8.35 21.90 15.44
N SER B 70 8.46 21.08 16.49
CA SER B 70 9.10 21.51 17.74
C SER B 70 9.87 20.37 18.40
N GLY B 71 10.51 20.67 19.54
CA GLY B 71 11.25 19.68 20.31
C GLY B 71 12.74 19.69 20.06
N SER B 72 13.48 19.01 20.93
CA SER B 72 14.93 18.88 20.80
C SER B 72 15.40 17.60 21.48
N GLY B 73 16.54 17.07 21.01
CA GLY B 73 17.13 15.87 21.59
C GLY B 73 16.58 14.60 20.99
N THR B 74 15.56 14.03 21.63
CA THR B 74 14.92 12.79 21.17
C THR B 74 13.43 12.96 20.89
N ASP B 75 12.77 13.83 21.66
CA ASP B 75 11.32 14.02 21.55
C ASP B 75 10.97 15.16 20.61
N PHE B 76 10.25 14.82 19.54
CA PHE B 76 9.88 15.78 18.49
C PHE B 76 8.41 15.68 18.13
N THR B 77 7.80 16.83 17.86
CA THR B 77 6.36 16.90 17.62
C THR B 77 6.02 17.75 16.39
N LEU B 78 5.18 17.19 15.52
CA LEU B 78 4.58 17.92 14.42
C LEU B 78 3.18 18.36 14.84
N LYS B 79 2.82 19.59 14.49
CA LYS B 79 1.52 20.15 14.87
C LYS B 79 0.78 20.82 13.71
N ILE B 80 -0.43 20.34 13.44
CA ILE B 80 -1.31 20.93 12.44
C ILE B 80 -2.45 21.65 13.16
N SER B 81 -2.50 22.98 13.03
CA SER B 81 -3.49 23.80 13.73
C SER B 81 -4.91 23.58 13.23
N ARG B 82 -5.04 23.28 11.94
CA ARG B 82 -6.34 23.03 11.30
C ARG B 82 -6.14 22.03 10.17
N VAL B 83 -6.79 20.87 10.30
CA VAL B 83 -6.63 19.79 9.34
C VAL B 83 -7.49 20.05 8.11
N GLU B 84 -6.92 19.85 6.92
CA GLU B 84 -7.54 20.40 5.72
C GLU B 84 -7.78 19.43 4.57
N ALA B 85 -8.04 18.16 4.89
CA ALA B 85 -8.37 17.15 3.87
C ALA B 85 -7.22 16.83 2.93
N GLU B 86 -6.60 17.86 2.35
CA GLU B 86 -5.42 17.66 1.54
C GLU B 86 -4.25 17.30 2.45
N ASP B 87 -4.46 17.48 3.75
CA ASP B 87 -3.47 17.14 4.77
C ASP B 87 -3.36 15.64 5.00
N LEU B 88 -4.41 14.91 4.60
CA LEU B 88 -4.48 13.46 4.85
C LEU B 88 -3.51 12.63 4.01
N GLY B 89 -2.96 11.60 4.65
CA GLY B 89 -1.92 10.76 4.07
C GLY B 89 -1.04 10.20 5.18
N VAL B 90 0.18 9.80 4.83
CA VAL B 90 1.10 9.22 5.81
C VAL B 90 2.26 10.17 6.10
N TYR B 91 2.36 10.60 7.36
CA TYR B 91 3.39 11.51 7.82
C TYR B 91 4.57 10.75 8.37
N TYR B 92 5.76 10.99 7.81
CA TYR B 92 6.98 10.36 8.27
C TYR B 92 7.89 11.35 8.96
N CYS B 93 8.50 10.95 10.07
CA CYS B 93 9.60 11.72 10.64
C CYS B 93 10.92 11.12 10.16
N PHE B 94 11.93 11.97 10.02
CA PHE B 94 13.19 11.56 9.42
C PHE B 94 14.38 12.11 10.21
N GLN B 95 15.44 11.31 10.27
CA GLN B 95 16.69 11.69 10.91
C GLN B 95 17.81 11.65 9.88
N GLY B 96 18.69 12.63 9.91
CA GLY B 96 19.81 12.70 8.97
C GLY B 96 21.11 13.20 9.57
N SER B 97 21.28 13.01 10.88
CA SER B 97 22.50 13.42 11.57
C SER B 97 23.38 12.25 11.97
N HIS B 98 22.98 11.03 11.57
CA HIS B 98 23.80 9.85 11.83
C HIS B 98 23.95 8.98 10.60
N VAL B 99 25.02 8.19 10.61
CA VAL B 99 25.66 7.70 9.37
C VAL B 99 24.71 7.14 8.31
N PRO B 100 23.90 6.11 8.65
CA PRO B 100 22.81 5.89 7.71
C PRO B 100 21.56 6.59 8.22
N PRO B 101 20.86 7.33 7.33
CA PRO B 101 19.71 8.02 7.88
C PRO B 101 18.52 7.08 8.00
N THR B 102 17.58 7.42 8.87
CA THR B 102 16.47 6.54 9.18
C THR B 102 15.15 7.28 9.31
N PHE B 103 14.11 6.71 8.70
CA PHE B 103 12.75 7.23 8.77
C PHE B 103 12.00 6.61 9.93
N GLY B 104 10.91 7.27 10.34
CA GLY B 104 9.95 6.67 11.26
C GLY B 104 9.03 5.73 10.50
N GLY B 105 8.31 4.89 11.23
CA GLY B 105 7.35 3.96 10.64
C GLY B 105 6.21 4.66 9.93
N GLY B 106 5.92 5.90 10.34
CA GLY B 106 4.88 6.71 9.71
C GLY B 106 3.60 6.76 10.51
N THR B 107 2.99 7.94 10.56
CA THR B 107 1.68 8.12 11.17
C THR B 107 0.68 8.47 10.08
N LYS B 108 -0.46 7.78 10.10
CA LYS B 108 -1.50 8.00 9.11
C LYS B 108 -2.60 8.91 9.65
N LEU B 109 -2.78 10.05 8.98
CA LEU B 109 -3.96 10.87 9.22
C LEU B 109 -5.17 10.20 8.58
N GLU B 110 -6.18 9.92 9.38
CA GLU B 110 -7.39 9.26 8.92
C GLU B 110 -8.61 10.03 9.41
N ILE B 111 -9.71 9.91 8.68
CA ILE B 111 -10.95 10.61 9.03
C ILE B 111 -11.68 9.88 10.15
N LYS B 112 -12.01 10.62 11.20
CA LYS B 112 -12.79 10.10 12.31
C LYS B 112 -14.28 10.20 11.99
N ARG B 113 -14.99 9.10 12.22
CA ARG B 113 -16.45 9.06 12.09
C ARG B 113 -17.05 8.08 13.10
N ALA B 114 -18.38 7.93 13.06
CA ALA B 114 -19.09 7.08 14.01
C ALA B 114 -18.80 5.60 13.79
N ASP B 115 -18.95 4.81 14.85
CA ASP B 115 -18.77 3.36 14.78
C ASP B 115 -19.78 2.72 13.84
N ALA B 116 -19.34 1.69 13.14
CA ALA B 116 -20.21 0.92 12.26
C ALA B 116 -19.77 -0.53 12.25
N ALA B 117 -20.71 -1.43 12.54
CA ALA B 117 -20.45 -2.87 12.45
C ALA B 117 -20.28 -3.27 10.99
N PRO B 118 -19.41 -4.27 10.73
CA PRO B 118 -19.24 -4.76 9.35
C PRO B 118 -20.47 -5.48 8.83
N THR B 119 -20.69 -5.41 7.51
CA THR B 119 -21.71 -6.20 6.87
C THR B 119 -21.05 -7.47 6.34
N VAL B 120 -21.38 -8.60 6.97
CA VAL B 120 -20.74 -9.87 6.70
C VAL B 120 -21.54 -10.69 5.71
N SER B 121 -20.87 -11.13 4.65
CA SER B 121 -21.51 -11.93 3.60
C SER B 121 -20.57 -13.09 3.27
N ILE B 122 -21.14 -14.30 3.27
CA ILE B 122 -20.38 -15.52 3.00
C ILE B 122 -20.83 -16.16 1.69
N PHE B 123 -19.87 -16.65 0.91
CA PHE B 123 -20.13 -17.18 -0.42
C PHE B 123 -19.52 -18.56 -0.63
N PRO B 124 -20.37 -19.55 -1.00
CA PRO B 124 -19.87 -20.88 -1.32
C PRO B 124 -19.07 -20.84 -2.61
N PRO B 125 -18.09 -21.76 -2.79
CA PRO B 125 -17.35 -21.78 -4.05
C PRO B 125 -18.28 -22.01 -5.22
N SER B 126 -18.03 -21.30 -6.33
CA SER B 126 -18.78 -21.51 -7.55
C SER B 126 -18.57 -22.93 -8.04
N SER B 127 -19.66 -23.60 -8.37
CA SER B 127 -19.60 -24.97 -8.91
C SER B 127 -18.69 -25.01 -10.14
N GLU B 128 -18.44 -23.83 -10.72
CA GLU B 128 -17.48 -23.69 -11.81
C GLU B 128 -16.05 -23.94 -11.36
N GLN B 129 -15.70 -23.43 -10.17
CA GLN B 129 -14.39 -23.72 -9.59
C GLN B 129 -14.36 -25.14 -9.06
N LEU B 130 -15.42 -25.53 -8.35
CA LEU B 130 -15.54 -26.86 -7.77
C LEU B 130 -15.27 -27.96 -8.78
N THR B 131 -15.97 -27.88 -9.92
CA THR B 131 -15.95 -28.92 -10.93
C THR B 131 -14.56 -29.10 -11.56
N SER B 132 -13.67 -28.14 -11.34
CA SER B 132 -12.29 -28.21 -11.79
C SER B 132 -11.31 -28.59 -10.64
N GLY B 133 -11.87 -28.94 -9.49
CA GLY B 133 -11.08 -29.52 -8.39
C GLY B 133 -10.70 -28.61 -7.24
N GLY B 134 -10.95 -27.31 -7.37
CA GLY B 134 -10.61 -26.34 -6.33
C GLY B 134 -11.85 -25.76 -5.66
N ALA B 135 -11.69 -25.24 -4.45
CA ALA B 135 -12.81 -24.69 -3.68
C ALA B 135 -12.42 -23.50 -2.80
N SER B 136 -12.71 -22.30 -3.28
CA SER B 136 -12.46 -21.08 -2.51
C SER B 136 -13.74 -20.57 -1.88
N VAL B 137 -13.79 -20.57 -0.55
CA VAL B 137 -14.90 -19.99 0.18
C VAL B 137 -14.56 -18.54 0.52
N VAL B 138 -15.42 -17.62 0.10
CA VAL B 138 -15.15 -16.20 0.23
C VAL B 138 -16.09 -15.55 1.24
N CYS B 139 -15.56 -14.64 2.04
CA CYS B 139 -16.35 -13.88 3.00
C CYS B 139 -15.99 -12.40 2.97
N PHE B 140 -16.98 -11.55 2.72
CA PHE B 140 -16.80 -10.10 2.72
C PHE B 140 -17.21 -9.47 4.04
N LEU B 141 -16.33 -8.64 4.59
CA LEU B 141 -16.61 -7.85 5.79
C LEU B 141 -16.53 -6.38 5.40
N ASN B 142 -17.69 -5.79 5.10
CA ASN B 142 -17.74 -4.48 4.46
C ASN B 142 -18.24 -3.32 5.30
N ASN B 143 -17.68 -2.13 5.02
CA ASN B 143 -18.18 -0.85 5.53
C ASN B 143 -18.25 -0.72 7.04
N PHE B 144 -17.14 -1.02 7.70
CA PHE B 144 -17.09 -0.91 9.13
C PHE B 144 -16.14 0.18 9.55
N TYR B 145 -16.37 0.71 10.74
CA TYR B 145 -15.42 1.54 11.40
C TYR B 145 -15.69 1.10 12.78
N PRO B 146 -14.73 1.21 13.80
CA PRO B 146 -13.38 1.57 13.38
C PRO B 146 -12.61 0.43 12.78
N LYS B 147 -11.34 0.68 12.41
CA LYS B 147 -10.47 -0.03 11.49
C LYS B 147 -10.13 -1.47 11.85
N ASP B 148 -9.90 -1.73 13.13
CA ASP B 148 -9.43 -3.05 13.56
C ASP B 148 -10.54 -4.09 13.55
N ILE B 149 -10.20 -5.31 13.17
CA ILE B 149 -11.19 -6.36 13.01
C ILE B 149 -10.54 -7.76 12.98
N ASN B 150 -11.32 -8.75 13.40
CA ASN B 150 -10.90 -10.14 13.36
C ASN B 150 -11.83 -10.99 12.50
N VAL B 151 -11.25 -11.96 11.79
CA VAL B 151 -12.03 -12.97 11.07
C VAL B 151 -11.64 -14.36 11.53
N LYS B 152 -12.65 -15.15 11.90
CA LYS B 152 -12.45 -16.54 12.26
C LYS B 152 -13.25 -17.43 11.33
N TRP B 153 -12.65 -18.54 10.91
CA TRP B 153 -13.36 -19.54 10.12
C TRP B 153 -13.69 -20.76 10.95
N LYS B 154 -14.89 -21.29 10.74
CA LYS B 154 -15.31 -22.55 11.34
C LYS B 154 -15.79 -23.48 10.24
N ILE B 155 -15.30 -24.72 10.25
CA ILE B 155 -15.83 -25.76 9.38
C ILE B 155 -16.47 -26.82 10.26
N ASP B 156 -17.76 -27.03 10.08
CA ASP B 156 -18.57 -27.89 10.96
C ASP B 156 -18.39 -27.54 12.44
N GLY B 157 -18.02 -26.28 12.71
CA GLY B 157 -17.83 -25.80 14.07
C GLY B 157 -16.39 -25.70 14.54
N SER B 158 -15.47 -26.31 13.79
CA SER B 158 -14.05 -26.32 14.17
C SER B 158 -13.27 -25.20 13.51
N GLU B 159 -12.54 -24.44 14.33
CA GLU B 159 -11.72 -23.33 13.87
C GLU B 159 -10.65 -23.81 12.88
N ARG B 160 -10.55 -23.10 11.76
CA ARG B 160 -9.58 -23.42 10.72
C ARG B 160 -8.78 -22.17 10.36
N GLN B 161 -7.46 -22.31 10.29
CA GLN B 161 -6.58 -21.17 10.03
C GLN B 161 -5.77 -21.29 8.74
N ASN B 162 -5.39 -22.52 8.39
CA ASN B 162 -4.58 -22.78 7.21
C ASN B 162 -5.32 -22.47 5.91
N GLY B 163 -4.59 -21.95 4.93
CA GLY B 163 -5.14 -21.67 3.61
C GLY B 163 -6.12 -20.51 3.57
N VAL B 164 -5.94 -19.56 4.48
CA VAL B 164 -6.79 -18.37 4.56
C VAL B 164 -6.00 -17.13 4.14
N LEU B 165 -6.55 -16.40 3.18
CA LEU B 165 -5.94 -15.16 2.69
C LEU B 165 -6.87 -13.96 2.86
N ASN B 166 -6.33 -12.91 3.47
CA ASN B 166 -7.09 -11.70 3.76
C ASN B 166 -6.61 -10.50 2.98
N SER B 167 -7.54 -9.61 2.65
CA SER B 167 -7.22 -8.38 1.94
C SER B 167 -7.97 -7.21 2.55
N TRP B 168 -7.29 -6.07 2.65
CA TRP B 168 -7.88 -4.86 3.22
C TRP B 168 -7.86 -3.72 2.23
N THR B 169 -8.92 -2.91 2.26
CA THR B 169 -8.94 -1.66 1.52
C THR B 169 -8.60 -0.52 2.49
N ASP B 170 -7.97 0.52 1.97
CA ASP B 170 -7.72 1.73 2.76
C ASP B 170 -9.04 2.47 2.98
N GLN B 171 -9.05 3.41 3.93
CA GLN B 171 -10.24 4.17 4.24
C GLN B 171 -10.90 4.70 2.96
N ASP B 172 -12.21 4.51 2.86
CA ASP B 172 -12.99 4.97 1.72
C ASP B 172 -13.02 6.50 1.65
N SER B 173 -13.14 7.02 0.44
CA SER B 173 -13.16 8.48 0.22
C SER B 173 -14.58 9.08 0.27
N LYS B 174 -15.59 8.23 0.44
CA LYS B 174 -16.98 8.69 0.51
C LYS B 174 -17.54 8.60 1.93
N ASP B 175 -17.60 7.39 2.47
CA ASP B 175 -18.20 7.14 3.80
C ASP B 175 -17.18 6.96 4.93
N SER B 176 -15.89 6.97 4.58
CA SER B 176 -14.78 6.85 5.55
C SER B 176 -14.73 5.52 6.31
N THR B 177 -15.30 4.48 5.71
CA THR B 177 -15.30 3.15 6.32
C THR B 177 -14.23 2.25 5.72
N TYR B 178 -13.95 1.14 6.40
CA TYR B 178 -13.02 0.14 5.92
C TYR B 178 -13.77 -1.12 5.52
N SER B 179 -13.17 -1.90 4.63
CA SER B 179 -13.75 -3.16 4.21
C SER B 179 -12.67 -4.23 4.08
N MET B 180 -13.05 -5.48 4.31
CA MET B 180 -12.10 -6.59 4.33
C MET B 180 -12.65 -7.81 3.61
N SER B 181 -11.77 -8.48 2.87
CA SER B 181 -12.11 -9.71 2.16
C SER B 181 -11.29 -10.86 2.72
N SER B 182 -11.93 -12.02 2.84
CA SER B 182 -11.27 -13.21 3.36
C SER B 182 -11.67 -14.44 2.55
N THR B 183 -10.68 -15.13 2.00
CA THR B 183 -10.95 -16.35 1.23
C THR B 183 -10.27 -17.56 1.86
N LEU B 184 -11.02 -18.64 2.00
CA LEU B 184 -10.51 -19.91 2.47
C LEU B 184 -10.43 -20.82 1.25
N THR B 185 -9.21 -21.21 0.87
CA THR B 185 -9.00 -22.04 -0.30
C THR B 185 -8.76 -23.50 0.09
N LEU B 186 -9.53 -24.39 -0.55
CA LEU B 186 -9.44 -25.83 -0.31
C LEU B 186 -9.49 -26.57 -1.64
N THR B 187 -9.25 -27.87 -1.58
CA THR B 187 -9.49 -28.75 -2.72
C THR B 187 -10.96 -29.14 -2.71
N LYS B 188 -11.50 -29.52 -3.87
CA LYS B 188 -12.88 -30.00 -3.96
C LYS B 188 -13.16 -31.06 -2.89
N ASP B 189 -12.28 -32.06 -2.83
CA ASP B 189 -12.49 -33.21 -1.97
C ASP B 189 -12.42 -32.94 -0.47
N GLU B 190 -11.63 -31.95 -0.05
CA GLU B 190 -11.63 -31.54 1.35
C GLU B 190 -12.91 -30.76 1.65
N TYR B 191 -13.30 -29.89 0.73
CA TYR B 191 -14.52 -29.10 0.85
C TYR B 191 -15.76 -30.00 0.88
N GLU B 192 -15.71 -31.11 0.15
CA GLU B 192 -16.85 -32.02 0.08
C GLU B 192 -16.97 -32.99 1.27
N ARG B 193 -16.05 -32.88 2.21
CA ARG B 193 -16.08 -33.70 3.43
C ARG B 193 -16.94 -33.07 4.52
N HIS B 194 -17.10 -31.75 4.45
CA HIS B 194 -17.79 -30.98 5.48
C HIS B 194 -19.03 -30.25 4.96
N ASN B 195 -20.00 -30.03 5.85
CA ASN B 195 -21.27 -29.41 5.48
C ASN B 195 -21.36 -27.94 5.85
N SER B 196 -21.10 -27.66 7.13
CA SER B 196 -21.21 -26.30 7.66
C SER B 196 -19.93 -25.49 7.44
N TYR B 197 -20.11 -24.29 6.88
CA TYR B 197 -19.01 -23.36 6.68
C TYR B 197 -19.35 -22.00 7.26
N THR B 198 -18.53 -21.55 8.19
CA THR B 198 -18.84 -20.37 8.99
C THR B 198 -17.74 -19.31 8.93
N CYS B 199 -18.15 -18.08 8.65
CA CYS B 199 -17.29 -16.91 8.72
C CYS B 199 -17.84 -16.02 9.82
N GLU B 200 -17.03 -15.76 10.84
CA GLU B 200 -17.47 -14.89 11.94
C GLU B 200 -16.50 -13.73 12.22
N ALA B 201 -17.10 -12.56 12.44
CA ALA B 201 -16.35 -11.31 12.55
C ALA B 201 -16.38 -10.76 13.97
N THR B 202 -15.20 -10.47 14.51
CA THR B 202 -15.08 -9.84 15.82
C THR B 202 -14.65 -8.38 15.68
N HIS B 203 -15.47 -7.49 16.26
CA HIS B 203 -15.30 -6.06 16.12
C HIS B 203 -15.71 -5.37 17.42
N LYS B 204 -15.23 -4.15 17.63
CA LYS B 204 -15.48 -3.42 18.89
C LYS B 204 -16.96 -3.06 19.10
N THR B 205 -17.73 -3.04 18.01
CA THR B 205 -19.13 -2.62 18.05
C THR B 205 -20.04 -3.63 18.75
N SER B 206 -19.58 -4.87 18.89
CA SER B 206 -20.36 -5.90 19.57
C SER B 206 -19.52 -6.79 20.46
N THR B 207 -20.10 -7.16 21.61
CA THR B 207 -19.48 -8.09 22.55
C THR B 207 -19.48 -9.53 22.03
N SER B 208 -20.29 -9.79 21.01
CA SER B 208 -20.39 -11.11 20.41
C SER B 208 -20.20 -11.04 18.89
N PRO B 209 -19.45 -12.00 18.32
CA PRO B 209 -19.11 -11.96 16.89
C PRO B 209 -20.33 -12.10 15.99
N ILE B 210 -20.28 -11.45 14.83
CA ILE B 210 -21.31 -11.61 13.80
C ILE B 210 -20.99 -12.86 12.99
N VAL B 211 -21.87 -13.85 13.08
CA VAL B 211 -21.70 -15.11 12.40
C VAL B 211 -22.52 -15.14 11.10
N LYS B 212 -21.89 -15.57 10.02
CA LYS B 212 -22.58 -15.86 8.77
C LYS B 212 -22.10 -17.19 8.24
N SER B 213 -23.03 -18.14 8.12
CA SER B 213 -22.69 -19.49 7.69
C SER B 213 -23.52 -19.95 6.50
N PHE B 214 -23.05 -21.02 5.86
CA PHE B 214 -23.88 -21.76 4.93
C PHE B 214 -23.69 -23.26 5.14
N ASN B 215 -24.79 -23.98 5.09
CA ASN B 215 -24.77 -25.42 5.17
C ASN B 215 -24.80 -25.91 3.75
N ARG B 216 -23.92 -26.85 3.47
CA ARG B 216 -23.72 -27.30 2.11
C ARG B 216 -24.89 -28.14 1.63
N ASN B 217 -26.08 -27.57 1.76
CA ASN B 217 -27.27 -28.18 1.23
C ASN B 217 -27.84 -27.31 0.13
N GLU B 218 -27.57 -27.72 -1.10
CA GLU B 218 -28.13 -27.15 -2.33
C GLU B 218 -27.36 -27.66 -3.55
N ASN C 14 31.74 20.87 -4.88
CA ASN C 14 33.00 20.09 -4.72
C ASN C 14 32.80 18.85 -3.86
N THR C 15 32.96 18.99 -2.54
CA THR C 15 32.82 17.88 -1.60
C THR C 15 31.35 17.46 -1.44
N GLY C 16 30.49 18.44 -1.19
CA GLY C 16 29.10 18.16 -0.83
C GLY C 16 28.95 18.25 0.67
N TRP C 17 27.87 18.89 1.10
CA TRP C 17 27.68 19.24 2.50
C TRP C 17 27.46 18.05 3.44
N LEU C 18 26.76 17.03 2.94
CA LEU C 18 26.54 15.80 3.70
C LEU C 18 27.86 15.08 3.89
N ALA C 19 28.68 15.05 2.84
CA ALA C 19 29.97 14.41 2.89
C ALA C 19 30.82 15.04 3.98
N GLY C 20 30.82 16.37 4.02
CA GLY C 20 31.54 17.13 5.05
C GLY C 20 30.98 16.84 6.43
N LEU C 21 29.67 16.65 6.49
CA LEU C 21 28.95 16.31 7.71
C LEU C 21 29.51 15.06 8.39
N PHE C 22 29.70 13.99 7.61
CA PHE C 22 30.32 12.82 8.21
C PHE C 22 31.68 12.58 7.57
#